data_9HSP
#
_entry.id   9HSP
#
_cell.length_a   50.370
_cell.length_b   69.328
_cell.length_c   118.385
_cell.angle_alpha   90.000
_cell.angle_beta   90.000
_cell.angle_gamma   90.000
#
_symmetry.space_group_name_H-M   'I 2 2 2'
#
loop_
_entity.id
_entity.type
_entity.pdbx_description
1 polymer 'choline-phosphate cytidylyltransferase'
2 non-polymer 1,3-oxazol-4-ylmethanamine
3 water water
#
_entity_poly.entity_id   1
_entity_poly.type   'polypeptide(L)'
_entity_poly.pdbx_seq_one_letter_code
;GHMAVPDDDDDDDNSNDESEYESSQMDSEKNKGSIKNSKNVVIYADGVYDMLHLGHMKQLEQAKKLFENTTLIVGVTSDN
ETKLFKGQVVQTLEERTETLKHIRWVDEIISPCPWVVTPEFLEKYKIDYVAHDDIPYANNQKEDIYAWLKRAGKFKATQR
TEGVSTTDLIVRILKNYED
;
_entity_poly.pdbx_strand_id   A
#
loop_
_chem_comp.id
_chem_comp.type
_chem_comp.name
_chem_comp.formula
9OI non-polymer 1,3-oxazol-4-ylmethanamine 'C4 H6 N2 O'
#
# COMPACT_ATOMS: atom_id res chain seq x y z
N LYS A 39 10.27 15.78 -15.23
CA LYS A 39 9.00 15.18 -15.58
C LYS A 39 8.59 14.08 -14.58
N ASN A 40 9.53 13.60 -13.77
CA ASN A 40 9.28 12.42 -12.93
C ASN A 40 8.62 12.82 -11.60
N VAL A 41 7.57 12.08 -11.23
CA VAL A 41 6.73 12.37 -10.07
C VAL A 41 6.93 11.23 -9.08
N VAL A 42 7.22 11.55 -7.82
CA VAL A 42 7.37 10.52 -6.80
C VAL A 42 6.03 10.28 -6.11
N ILE A 43 5.59 9.03 -6.15
CA ILE A 43 4.32 8.62 -5.54
C ILE A 43 4.61 7.70 -4.36
N TYR A 44 3.89 7.92 -3.27
CA TYR A 44 4.02 7.11 -2.07
C TYR A 44 2.71 6.42 -1.78
N ALA A 45 2.76 5.10 -1.59
CA ALA A 45 1.62 4.32 -1.12
C ALA A 45 2.08 3.48 0.06
N ASP A 46 1.26 3.43 1.09
CA ASP A 46 1.58 2.64 2.28
C ASP A 46 0.41 1.71 2.60
N GLY A 47 0.71 0.66 3.34
CA GLY A 47 -0.32 -0.30 3.71
C GLY A 47 0.31 -1.47 4.44
N VAL A 48 -0.55 -2.40 4.87
CA VAL A 48 -0.06 -3.61 5.51
C VAL A 48 0.46 -4.60 4.47
N TYR A 49 -0.26 -4.76 3.35
CA TYR A 49 0.11 -5.71 2.30
C TYR A 49 0.27 -7.14 2.84
N ASP A 50 -0.66 -7.56 3.72
CA ASP A 50 -0.69 -8.93 4.19
C ASP A 50 -1.31 -9.83 3.13
N MET A 51 -0.71 -11.00 2.90
CA MET A 51 -1.18 -12.00 1.93
C MET A 51 -1.60 -11.34 0.61
N LEU A 52 -0.60 -10.77 -0.07
CA LEU A 52 -0.85 -9.94 -1.24
C LEU A 52 -1.66 -10.68 -2.31
N HIS A 53 -2.69 -10.01 -2.84
CA HIS A 53 -3.56 -10.58 -3.86
C HIS A 53 -3.84 -9.54 -4.94
N LEU A 54 -4.60 -9.96 -5.96
CA LEU A 54 -4.91 -9.11 -7.10
C LEU A 54 -5.41 -7.74 -6.69
N GLY A 55 -6.11 -7.66 -5.56
CA GLY A 55 -6.62 -6.38 -5.07
C GLY A 55 -5.50 -5.39 -4.75
N HIS A 56 -4.50 -5.83 -3.98
CA HIS A 56 -3.34 -4.97 -3.74
C HIS A 56 -2.65 -4.60 -5.04
N MET A 57 -2.43 -5.58 -5.91
CA MET A 57 -1.68 -5.36 -7.14
C MET A 57 -2.37 -4.33 -8.04
N LYS A 58 -3.68 -4.42 -8.17
CA LYS A 58 -4.37 -3.41 -8.98
C LYS A 58 -4.22 -2.03 -8.36
N GLN A 59 -4.32 -1.92 -7.03
CA GLN A 59 -4.14 -0.62 -6.39
C GLN A 59 -2.76 -0.07 -6.63
N LEU A 60 -1.73 -0.93 -6.51
CA LEU A 60 -0.37 -0.51 -6.80
C LEU A 60 -0.21 -0.05 -8.24
N GLU A 61 -0.76 -0.82 -9.18
CA GLU A 61 -0.76 -0.43 -10.59
C GLU A 61 -1.33 0.96 -10.76
N GLN A 62 -2.44 1.23 -10.06
CA GLN A 62 -3.13 2.49 -10.21
C GLN A 62 -2.27 3.64 -9.71
N ALA A 63 -1.71 3.51 -8.51
CA ALA A 63 -0.78 4.54 -8.05
C ALA A 63 0.38 4.72 -9.02
N LYS A 64 0.96 3.63 -9.51
CA LYS A 64 2.11 3.75 -10.40
C LYS A 64 1.76 4.53 -11.67
N LYS A 65 0.51 4.45 -12.13
CA LYS A 65 0.11 5.04 -13.41
C LYS A 65 -0.64 6.35 -13.22
N LEU A 66 -0.55 6.97 -12.05
CA LEU A 66 -1.23 8.26 -11.85
C LEU A 66 -0.70 9.30 -12.83
N PHE A 67 0.60 9.27 -13.12
CA PHE A 67 1.21 10.16 -14.10
C PHE A 67 2.07 9.36 -15.07
N GLU A 68 2.46 10.03 -16.15
CA GLU A 68 3.19 9.37 -17.23
C GLU A 68 4.53 8.81 -16.73
N ASN A 69 5.26 9.61 -15.95
CA ASN A 69 6.60 9.25 -15.48
C ASN A 69 6.61 9.35 -13.96
N THR A 70 6.64 8.20 -13.29
CA THR A 70 6.56 8.17 -11.85
C THR A 70 7.66 7.28 -11.28
N THR A 71 7.92 7.47 -9.98
CA THR A 71 8.59 6.51 -9.11
C THR A 71 7.60 6.18 -8.01
N LEU A 72 7.16 4.92 -7.94
CA LEU A 72 6.29 4.45 -6.85
C LEU A 72 7.13 3.93 -5.71
N ILE A 73 7.02 4.59 -4.55
CA ILE A 73 7.60 4.13 -3.29
C ILE A 73 6.49 3.48 -2.49
N VAL A 74 6.73 2.27 -1.99
CA VAL A 74 5.73 1.58 -1.19
C VAL A 74 6.23 1.49 0.24
N GLY A 75 5.39 1.89 1.19
CA GLY A 75 5.71 1.75 2.60
C GLY A 75 4.94 0.58 3.20
N VAL A 76 5.67 -0.27 3.90
CA VAL A 76 5.08 -1.47 4.52
C VAL A 76 5.12 -1.30 6.04
N THR A 77 3.94 -1.43 6.66
CA THR A 77 3.79 -1.13 8.09
C THR A 77 4.43 -2.22 8.96
N SER A 78 4.94 -1.80 10.12
CA SER A 78 5.63 -2.71 11.02
C SER A 78 4.63 -3.69 11.65
N ASP A 79 5.17 -4.81 12.16
CA ASP A 79 4.32 -5.79 12.84
C ASP A 79 3.67 -5.19 14.07
N ASN A 80 4.49 -4.60 14.94
CA ASN A 80 3.98 -4.14 16.21
C ASN A 80 2.87 -3.10 16.03
N GLU A 81 3.04 -2.18 15.08
CA GLU A 81 2.07 -1.10 14.96
C GLU A 81 0.80 -1.57 14.28
N THR A 82 0.92 -2.44 13.28
CA THR A 82 -0.28 -3.02 12.67
C THR A 82 -1.13 -3.76 13.69
N LYS A 83 -0.50 -4.60 14.52
CA LYS A 83 -1.23 -5.32 15.57
C LYS A 83 -1.87 -4.35 16.56
N LEU A 84 -1.13 -3.34 16.99
CA LEU A 84 -1.64 -2.43 18.00
C LEU A 84 -2.82 -1.61 17.48
N PHE A 85 -2.74 -1.16 16.23
CA PHE A 85 -3.66 -0.17 15.67
C PHE A 85 -4.74 -0.77 14.78
N LYS A 86 -4.41 -1.77 13.96
CA LYS A 86 -5.37 -2.38 13.05
C LYS A 86 -5.88 -3.72 13.57
N GLY A 87 -4.96 -4.58 14.01
CA GLY A 87 -5.32 -5.86 14.57
C GLY A 87 -4.82 -6.99 13.71
N GLN A 88 -4.03 -7.88 14.31
CA GLN A 88 -3.56 -9.11 13.68
C GLN A 88 -2.95 -8.90 12.31
N VAL A 89 -1.78 -9.49 12.09
CA VAL A 89 -1.17 -9.59 10.78
C VAL A 89 -0.76 -11.05 10.63
N VAL A 90 -0.91 -11.59 9.42
CA VAL A 90 -0.61 -13.00 9.23
C VAL A 90 0.86 -13.20 8.87
N GLN A 91 1.42 -12.39 7.98
CA GLN A 91 2.82 -12.52 7.59
C GLN A 91 3.66 -11.47 8.30
N THR A 92 4.93 -11.80 8.53
CA THR A 92 5.86 -10.87 9.17
C THR A 92 6.23 -9.73 8.24
N LEU A 93 6.92 -8.74 8.81
CA LEU A 93 7.36 -7.61 8.01
C LEU A 93 8.25 -8.08 6.86
N GLU A 94 9.18 -9.00 7.14
CA GLU A 94 10.09 -9.46 6.09
C GLU A 94 9.32 -10.20 4.99
N GLU A 95 8.36 -11.06 5.36
CA GLU A 95 7.57 -11.78 4.37
C GLU A 95 6.75 -10.84 3.49
N ARG A 96 6.05 -9.88 4.10
CA ARG A 96 5.21 -8.98 3.33
C ARG A 96 6.04 -8.09 2.42
N THR A 97 7.22 -7.68 2.87
CA THR A 97 8.13 -6.86 2.06
C THR A 97 8.73 -7.67 0.91
N GLU A 98 9.14 -8.91 1.17
CA GLU A 98 9.79 -9.69 0.12
C GLU A 98 8.82 -10.03 -1.01
N THR A 99 7.55 -10.28 -0.70
CA THR A 99 6.56 -10.49 -1.76
C THR A 99 6.43 -9.24 -2.64
N LEU A 100 6.25 -8.08 -2.01
CA LEU A 100 6.12 -6.80 -2.72
C LEU A 100 7.26 -6.55 -3.67
N LYS A 101 8.47 -7.00 -3.31
CA LYS A 101 9.63 -6.86 -4.17
C LYS A 101 9.40 -7.42 -5.57
N HIS A 102 8.47 -8.36 -5.72
CA HIS A 102 8.32 -9.03 -7.01
C HIS A 102 7.27 -8.40 -7.89
N ILE A 103 6.61 -7.33 -7.43
CA ILE A 103 5.51 -6.72 -8.16
C ILE A 103 6.07 -5.68 -9.10
N ARG A 104 5.55 -5.66 -10.33
CA ARG A 104 6.10 -4.84 -11.40
C ARG A 104 6.07 -3.35 -11.05
N TRP A 105 5.00 -2.90 -10.41
CA TRP A 105 4.75 -1.48 -10.29
C TRP A 105 5.60 -0.84 -9.21
N VAL A 106 6.19 -1.66 -8.34
CA VAL A 106 6.91 -1.17 -7.16
C VAL A 106 8.33 -0.79 -7.53
N ASP A 107 8.68 0.48 -7.34
CA ASP A 107 10.03 0.95 -7.62
C ASP A 107 10.92 0.96 -6.37
N GLU A 108 10.39 1.38 -5.23
CA GLU A 108 11.19 1.43 -4.01
C GLU A 108 10.32 1.02 -2.84
N ILE A 109 10.92 0.44 -1.81
CA ILE A 109 10.15 0.06 -0.64
C ILE A 109 10.80 0.69 0.59
N ILE A 110 9.96 1.21 1.48
CA ILE A 110 10.37 1.65 2.79
C ILE A 110 9.77 0.66 3.77
N SER A 111 10.61 -0.09 4.45
CA SER A 111 10.11 -1.18 5.27
C SER A 111 10.99 -1.33 6.50
N PRO A 112 10.47 -1.03 7.70
CA PRO A 112 9.09 -0.60 7.87
C PRO A 112 8.90 0.88 7.55
N CYS A 113 7.66 1.31 7.40
CA CYS A 113 7.32 2.72 7.20
C CYS A 113 6.62 3.26 8.45
N PRO A 114 6.63 4.57 8.66
CA PRO A 114 5.84 5.13 9.75
C PRO A 114 4.37 4.81 9.54
N TRP A 115 3.68 4.63 10.67
CA TRP A 115 2.24 4.42 10.64
C TRP A 115 1.48 5.64 10.13
N VAL A 116 1.90 6.84 10.51
CA VAL A 116 1.24 8.08 10.06
C VAL A 116 2.22 8.88 9.22
N VAL A 117 1.75 9.36 8.06
CA VAL A 117 2.54 10.21 7.18
C VAL A 117 2.62 11.62 7.75
N THR A 118 3.81 12.21 7.72
CA THR A 118 4.02 13.58 8.16
C THR A 118 4.54 14.45 7.01
N PRO A 119 4.34 15.76 7.10
CA PRO A 119 5.01 16.65 6.13
C PRO A 119 6.51 16.44 6.11
N GLU A 120 7.16 16.28 7.28
CA GLU A 120 8.60 16.00 7.30
C GLU A 120 8.92 14.77 6.47
N PHE A 121 8.15 13.69 6.66
CA PHE A 121 8.40 12.47 5.91
C PHE A 121 8.36 12.72 4.40
N LEU A 122 7.36 13.46 3.92
CA LEU A 122 7.29 13.75 2.49
C LEU A 122 8.53 14.51 2.02
N GLU A 123 8.99 15.47 2.81
CA GLU A 123 10.19 16.22 2.45
C GLU A 123 11.41 15.32 2.43
N LYS A 124 11.56 14.48 3.46
CA LYS A 124 12.72 13.60 3.56
C LYS A 124 12.90 12.77 2.29
N TYR A 125 11.83 12.15 1.81
CA TYR A 125 11.88 11.25 0.65
C TYR A 125 11.45 11.92 -0.65
N LYS A 126 11.33 13.25 -0.66
CA LYS A 126 10.97 14.01 -1.85
C LYS A 126 9.74 13.41 -2.53
N ILE A 127 8.71 13.18 -1.73
CA ILE A 127 7.46 12.59 -2.21
C ILE A 127 6.53 13.69 -2.70
N ASP A 128 5.99 13.53 -3.92
CA ASP A 128 5.10 14.54 -4.49
C ASP A 128 3.63 14.25 -4.20
N TYR A 129 3.23 12.99 -4.22
CA TYR A 129 1.83 12.62 -3.98
C TYR A 129 1.77 11.37 -3.12
N VAL A 130 0.73 11.31 -2.29
CA VAL A 130 0.41 10.13 -1.50
C VAL A 130 -0.82 9.50 -2.12
N ALA A 131 -0.71 8.21 -2.49
CA ALA A 131 -1.78 7.44 -3.12
C ALA A 131 -2.56 6.67 -2.05
N HIS A 132 -3.88 6.78 -2.08
CA HIS A 132 -4.68 6.14 -1.04
C HIS A 132 -6.10 5.88 -1.53
N ASP A 133 -6.75 4.88 -0.94
CA ASP A 133 -8.12 4.54 -1.34
C ASP A 133 -9.16 5.39 -0.62
N ASP A 144 -10.95 13.84 9.45
CA ASP A 144 -10.14 13.23 8.37
C ASP A 144 -8.65 13.42 8.60
N ILE A 145 -7.94 12.31 8.75
CA ILE A 145 -6.50 12.38 9.01
C ILE A 145 -5.76 12.92 7.80
N TYR A 146 -6.27 12.67 6.58
CA TYR A 146 -5.65 13.05 5.32
C TYR A 146 -6.11 14.40 4.80
N ALA A 147 -6.88 15.16 5.60
CA ALA A 147 -7.30 16.49 5.18
C ALA A 147 -6.10 17.35 4.80
N TRP A 148 -5.03 17.30 5.60
CA TRP A 148 -3.89 18.14 5.30
C TRP A 148 -3.26 17.79 3.96
N LEU A 149 -3.31 16.53 3.54
CA LEU A 149 -2.74 16.17 2.24
C LEU A 149 -3.62 16.67 1.10
N LYS A 150 -4.92 16.60 1.26
CA LYS A 150 -5.78 17.15 0.23
C LYS A 150 -5.54 18.64 0.10
N ARG A 151 -5.49 19.33 1.24
CA ARG A 151 -5.28 20.78 1.23
C ARG A 151 -4.04 21.16 0.47
N ALA A 152 -3.03 20.32 0.49
CA ALA A 152 -1.77 20.63 -0.15
C ALA A 152 -1.74 20.18 -1.60
N GLY A 153 -2.82 19.57 -2.08
CA GLY A 153 -2.86 19.03 -3.43
C GLY A 153 -2.08 17.75 -3.60
N LYS A 154 -1.68 17.09 -2.51
CA LYS A 154 -0.85 15.91 -2.57
C LYS A 154 -1.63 14.61 -2.37
N PHE A 155 -2.96 14.63 -2.42
CA PHE A 155 -3.77 13.45 -2.15
C PHE A 155 -4.30 12.88 -3.46
N LYS A 156 -3.94 11.63 -3.77
CA LYS A 156 -4.42 10.95 -4.98
C LYS A 156 -5.21 9.72 -4.58
N ALA A 157 -6.48 9.68 -4.98
CA ALA A 157 -7.33 8.54 -4.68
C ALA A 157 -7.01 7.35 -5.57
N THR A 158 -7.07 6.16 -5.00
CA THR A 158 -7.10 4.92 -5.76
C THR A 158 -8.23 4.06 -5.21
N GLN A 159 -8.74 3.14 -6.02
CA GLN A 159 -9.90 2.35 -5.65
C GLN A 159 -9.52 0.93 -5.26
N ARG A 160 -10.43 0.25 -4.57
CA ARG A 160 -10.27 -1.16 -4.20
C ARG A 160 -10.99 -2.06 -5.21
N THR A 161 -10.72 -3.36 -5.13
CA THR A 161 -11.42 -4.39 -5.93
C THR A 161 -11.90 -5.50 -5.01
N GLU A 162 -13.21 -5.60 -4.80
CA GLU A 162 -13.74 -6.58 -3.87
C GLU A 162 -13.68 -7.99 -4.46
N GLY A 163 -13.79 -8.98 -3.57
CA GLY A 163 -13.97 -10.38 -3.93
C GLY A 163 -12.72 -11.14 -4.35
N VAL A 164 -11.60 -10.46 -4.56
CA VAL A 164 -10.43 -11.09 -5.16
C VAL A 164 -9.49 -11.71 -4.14
N SER A 165 -9.84 -11.70 -2.85
CA SER A 165 -8.85 -11.80 -1.80
C SER A 165 -8.59 -13.24 -1.37
N THR A 166 -7.46 -13.41 -0.66
CA THR A 166 -7.06 -14.70 -0.11
C THR A 166 -8.16 -15.31 0.74
N THR A 167 -8.69 -14.53 1.68
CA THR A 167 -9.82 -14.97 2.50
C THR A 167 -10.93 -15.54 1.63
N ASP A 168 -11.43 -14.76 0.68
CA ASP A 168 -12.51 -15.21 -0.20
C ASP A 168 -12.16 -16.50 -0.91
N LEU A 169 -10.88 -16.81 -1.08
CA LEU A 169 -10.47 -17.92 -1.92
C LEU A 169 -10.61 -19.27 -1.20
N ILE A 170 -10.26 -19.32 0.09
CA ILE A 170 -10.44 -20.55 0.84
C ILE A 170 -11.93 -20.85 1.05
N VAL A 171 -12.76 -19.82 1.16
CA VAL A 171 -14.21 -20.02 1.09
C VAL A 171 -14.54 -20.84 -0.14
N ARG A 172 -14.00 -20.42 -1.29
CA ARG A 172 -14.20 -21.14 -2.54
C ARG A 172 -13.86 -22.63 -2.38
N ILE A 173 -12.72 -22.91 -1.76
CA ILE A 173 -12.32 -24.30 -1.57
C ILE A 173 -13.33 -25.04 -0.72
N LEU A 174 -13.91 -24.37 0.27
CA LEU A 174 -14.72 -25.09 1.25
C LEU A 174 -16.13 -25.35 0.75
N LYS A 175 -16.69 -24.43 -0.04
CA LYS A 175 -17.98 -24.68 -0.68
C LYS A 175 -17.98 -26.02 -1.40
N ASN A 176 -16.81 -26.43 -1.92
CA ASN A 176 -16.65 -27.76 -2.50
C ASN A 176 -17.11 -28.85 -1.53
N TYR A 177 -16.67 -28.77 -0.27
CA TYR A 177 -17.02 -29.77 0.73
C TYR A 177 -18.28 -29.40 1.51
N GLU A 178 -19.23 -28.71 0.87
CA GLU A 178 -20.55 -28.44 1.42
C GLU A 178 -20.52 -28.01 2.88
C02 9OI B . 1.03 18.69 -5.53
C03 9OI B . 2.21 18.72 -6.43
C04 9OI B . 2.28 19.45 -7.60
C06 9OI B . 4.23 18.43 -7.23
N01 9OI B . 1.30 19.49 -4.44
N07 9OI B . 3.48 18.08 -6.17
O05 9OI B . 3.56 19.25 -8.13
H021 9OI B . 0.13 19.04 -6.10
H022 9OI B . 0.81 17.64 -5.25
H041 9OI B . 1.61 20.09 -8.14
H061 9OI B . 5.26 18.17 -7.48
H011 9OI B . 1.76 20.36 -4.59
H012 9OI B . 1.02 19.16 -3.54
C02 9OI C . -3.10 0.64 7.00
C03 9OI C . -2.18 1.79 7.11
C04 9OI C . -1.74 2.62 6.06
C06 9OI C . -0.82 3.23 7.93
N01 9OI C . -3.44 0.45 5.69
N07 9OI C . -1.59 2.19 8.27
O05 9OI C . -0.87 3.54 6.60
H021 9OI C . -2.63 -0.26 7.45
H022 9OI C . -4.01 0.85 7.64
H041 9OI C . -1.93 2.69 5.00
H061 9OI C . -0.18 3.85 8.55
H011 9OI C . -3.84 -0.43 5.43
H012 9OI C . -3.29 1.21 5.05
#